data_8GDI
#
_entry.id   8GDI
#
_cell.length_a   67.548
_cell.length_b   74.991
_cell.length_c   95.078
_cell.angle_alpha   90.00
_cell.angle_beta   90.00
_cell.angle_gamma   90.00
#
_symmetry.space_group_name_H-M   'P 21 21 21'
#
loop_
_entity.id
_entity.type
_entity.pdbx_description
1 polymer 'Cytochrome P450 124A1'
2 non-polymer 'PROTOPORPHYRIN IX CONTAINING FE'
3 non-polymer (3beta,8alpha,9beta)-3-hydroxycholest-5-en-7-one
4 water water
#
_entity_poly.entity_id   1
_entity_poly.type   'polypeptide(L)'
_entity_poly.pdbx_seq_one_letter_code
;GLLPRVNGTPPPEVPLADIELGSLEFWGRDDDFRDGAFATLRREAPISFWPPIELAGLTAGKGHWALTKHDDIHFASRHP
EIFHSSPNIVIHDQTPELAEYFGSMIVLDDPRHQRLRSIVSRAFTPKVVARIEASVRERAHRLVAAMIENHPDGQADLVS
ELAGPLPLQIICDMMGIPEEDHEQIFHWTNVILGFGDPDLTTDFDEFLQVSMAIGGYATALADDRRVNHHGDLTTSLVEA
EVDGERLSSSEIAMFFILLVVAGNETTRNAISHGMLALSRYPDERAKWWSDFDGLAATAVEEIVRWASPVVYMRRTLSQD
VDLRGTKMAAGDKVTLWYCSANRDEEKFADPWTFDVTRNPNPQVGFGGGGAHFCLGANLARREIRVVFDELRRQMPDVVA
TEEPARLLSQFIHGIKRLPVAWS
;
_entity_poly.pdbx_strand_id   A
#
loop_
_chem_comp.id
_chem_comp.type
_chem_comp.name
_chem_comp.formula
0GV non-polymer (3beta,8alpha,9beta)-3-hydroxycholest-5-en-7-one 'C27 H44 O2'
HEM non-polymer 'PROTOPORPHYRIN IX CONTAINING FE' 'C34 H32 Fe N4 O4'
#
# COMPACT_ATOMS: atom_id res chain seq x y z
N GLY A 1 18.81 -12.15 -16.28
CA GLY A 1 19.19 -12.25 -14.89
C GLY A 1 18.03 -12.59 -13.97
N LEU A 2 16.84 -12.72 -14.55
CA LEU A 2 15.65 -13.08 -13.79
C LEU A 2 15.71 -14.58 -13.49
N LEU A 3 15.55 -14.94 -12.23
CA LEU A 3 15.62 -16.34 -11.84
C LEU A 3 14.37 -17.08 -12.30
N PRO A 4 14.52 -18.31 -12.82
CA PRO A 4 13.35 -19.04 -13.34
C PRO A 4 12.42 -19.47 -12.22
N ARG A 5 11.11 -19.44 -12.49
CA ARG A 5 10.12 -19.85 -11.52
C ARG A 5 9.06 -20.71 -12.19
N VAL A 6 8.38 -21.49 -11.36
CA VAL A 6 7.31 -22.39 -11.79
C VAL A 6 6.04 -21.99 -11.05
N ASN A 7 5.02 -21.60 -11.81
CA ASN A 7 3.75 -21.21 -11.21
C ASN A 7 3.18 -22.33 -10.35
N GLY A 8 2.59 -21.95 -9.21
CA GLY A 8 1.95 -22.90 -8.32
C GLY A 8 2.85 -23.54 -7.29
N THR A 9 4.14 -23.20 -7.27
CA THR A 9 5.08 -23.82 -6.35
C THR A 9 4.94 -23.23 -4.95
N PRO A 10 4.69 -24.04 -3.93
CA PRO A 10 4.65 -23.51 -2.56
C PRO A 10 6.04 -23.14 -2.09
N PRO A 11 6.15 -22.26 -1.11
CA PRO A 11 7.48 -21.93 -0.58
C PRO A 11 8.07 -23.12 0.15
N PRO A 12 9.40 -23.21 0.24
CA PRO A 12 10.01 -24.25 1.09
C PRO A 12 9.55 -24.10 2.53
N GLU A 13 9.50 -25.23 3.22
CA GLU A 13 8.97 -25.24 4.58
C GLU A 13 9.94 -24.50 5.49
N VAL A 14 9.41 -23.60 6.33
CA VAL A 14 10.24 -22.80 7.23
C VAL A 14 9.95 -23.28 8.65
N PRO A 15 10.94 -23.82 9.37
CA PRO A 15 10.69 -24.31 10.74
C PRO A 15 10.21 -23.20 11.67
N LEU A 16 9.21 -23.54 12.50
CA LEU A 16 8.62 -22.56 13.41
C LEU A 16 9.68 -21.86 14.25
N ALA A 17 10.70 -22.60 14.67
CA ALA A 17 11.74 -22.01 15.52
C ALA A 17 12.55 -20.94 14.79
N ASP A 18 12.55 -20.94 13.46
CA ASP A 18 13.39 -20.05 12.68
C ASP A 18 12.77 -18.68 12.41
N ILE A 19 11.51 -18.47 12.80
CA ILE A 19 10.78 -17.26 12.46
C ILE A 19 10.97 -16.21 13.56
N GLU A 20 11.42 -15.02 13.17
CA GLU A 20 11.50 -13.88 14.10
C GLU A 20 10.84 -12.67 13.44
N LEU A 21 9.56 -12.45 13.75
CA LEU A 21 8.84 -11.33 13.16
C LEU A 21 9.36 -9.98 13.68
N GLY A 22 10.03 -9.98 14.83
CA GLY A 22 10.59 -8.79 15.43
C GLY A 22 12.01 -8.44 15.03
N SER A 23 12.59 -9.12 14.06
CA SER A 23 13.95 -8.81 13.63
C SER A 23 13.96 -8.21 12.23
N LEU A 24 14.68 -7.08 12.09
CA LEU A 24 14.94 -6.52 10.76
C LEU A 24 15.46 -7.55 9.77
N GLU A 25 16.32 -8.47 10.23
CA GLU A 25 16.91 -9.42 9.28
C GLU A 25 15.83 -10.31 8.64
N PHE A 26 14.75 -10.60 9.36
CA PHE A 26 13.66 -11.39 8.77
C PHE A 26 13.05 -10.67 7.59
N TRP A 27 12.77 -9.37 7.75
CA TRP A 27 12.15 -8.60 6.68
C TRP A 27 13.10 -8.33 5.52
N GLY A 28 14.39 -8.58 5.70
CA GLY A 28 15.33 -8.51 4.58
C GLY A 28 15.39 -9.75 3.72
N ARG A 29 14.81 -10.86 4.19
CA ARG A 29 14.79 -12.10 3.41
C ARG A 29 13.85 -11.96 2.22
N ASP A 30 14.04 -12.84 1.23
CA ASP A 30 13.25 -12.75 0.02
C ASP A 30 11.83 -13.26 0.29
N ASP A 31 10.98 -13.19 -0.73
CA ASP A 31 9.55 -13.47 -0.52
C ASP A 31 9.28 -14.94 -0.26
N ASP A 32 10.08 -15.86 -0.81
CA ASP A 32 9.85 -17.27 -0.52
C ASP A 32 10.01 -17.60 0.95
N PHE A 33 11.03 -17.03 1.58
CA PHE A 33 11.22 -17.30 3.00
C PHE A 33 10.11 -16.65 3.82
N ARG A 34 9.75 -15.42 3.46
CA ARG A 34 8.68 -14.74 4.18
C ARG A 34 7.35 -15.48 4.03
N ASP A 35 6.99 -15.84 2.78
CA ASP A 35 5.75 -16.56 2.53
C ASP A 35 5.74 -17.91 3.23
N GLY A 36 6.88 -18.61 3.23
CA GLY A 36 6.98 -19.86 3.96
C GLY A 36 6.85 -19.68 5.46
N ALA A 37 7.41 -18.60 6.00
CA ALA A 37 7.23 -18.32 7.42
C ALA A 37 5.76 -18.15 7.76
N PHE A 38 5.04 -17.36 6.96
CA PHE A 38 3.64 -17.13 7.28
C PHE A 38 2.79 -18.38 7.03
N ALA A 39 3.20 -19.25 6.11
CA ALA A 39 2.51 -20.52 5.98
C ALA A 39 2.66 -21.35 7.25
N THR A 40 3.89 -21.38 7.80
CA THR A 40 4.11 -22.13 9.03
C THR A 40 3.30 -21.56 10.19
N LEU A 41 3.19 -20.23 10.30
CA LEU A 41 2.37 -19.65 11.35
C LEU A 41 0.89 -20.04 11.21
N ARG A 42 0.34 -19.98 9.99
CA ARG A 42 -1.06 -20.34 9.81
C ARG A 42 -1.32 -21.78 10.26
N ARG A 43 -0.34 -22.66 10.02
CA ARG A 43 -0.50 -24.07 10.32
C ARG A 43 -0.24 -24.39 11.79
N GLU A 44 0.77 -23.76 12.40
CA GLU A 44 1.25 -24.17 13.72
C GLU A 44 1.08 -23.14 14.81
N ALA A 45 0.89 -21.88 14.48
CA ALA A 45 0.81 -20.83 15.48
C ALA A 45 0.05 -19.64 14.92
N PRO A 46 -1.25 -19.82 14.61
CA PRO A 46 -1.97 -18.80 13.82
C PRO A 46 -2.14 -17.47 14.56
N ILE A 47 -2.03 -17.45 15.88
CA ILE A 47 -1.95 -16.20 16.64
C ILE A 47 -0.76 -16.30 17.58
N SER A 48 0.12 -15.31 17.53
CA SER A 48 1.37 -15.39 18.28
C SER A 48 1.91 -13.99 18.55
N PHE A 49 2.68 -13.86 19.63
CA PHE A 49 3.16 -12.57 20.10
C PHE A 49 4.61 -12.33 19.70
N TRP A 50 4.94 -11.08 19.36
CA TRP A 50 6.25 -10.72 18.84
C TRP A 50 6.67 -9.36 19.36
N PRO A 51 7.97 -9.14 19.57
CA PRO A 51 8.45 -7.80 19.95
C PRO A 51 8.56 -6.89 18.74
N PRO A 52 8.58 -5.58 18.96
CA PRO A 52 8.80 -4.64 17.84
C PRO A 52 10.18 -4.83 17.23
N ILE A 53 10.31 -4.42 15.96
CA ILE A 53 11.62 -4.46 15.31
C ILE A 53 12.54 -3.45 15.98
N GLU A 54 13.83 -3.59 15.72
CA GLU A 54 14.78 -2.75 16.44
C GLU A 54 14.87 -1.33 15.89
N LEU A 55 14.21 -1.06 14.76
CA LEU A 55 14.27 0.24 14.11
C LEU A 55 13.50 1.25 14.94
N ALA A 56 14.22 2.19 15.57
CA ALA A 56 13.67 3.06 16.62
C ALA A 56 12.98 2.25 17.72
N GLY A 57 13.53 1.07 18.01
CA GLY A 57 12.90 0.14 18.94
C GLY A 57 12.80 0.64 20.36
N LEU A 58 13.69 1.55 20.77
CA LEU A 58 13.71 2.01 22.15
C LEU A 58 12.46 2.83 22.49
N THR A 59 11.78 3.39 21.49
CA THR A 59 10.55 4.15 21.69
C THR A 59 9.32 3.46 21.12
N ALA A 60 9.45 2.18 20.73
CA ALA A 60 8.36 1.50 20.05
C ALA A 60 7.20 1.17 20.98
N GLY A 61 7.46 0.97 22.27
CA GLY A 61 6.38 0.53 23.15
C GLY A 61 6.28 -0.99 23.16
N LYS A 62 5.09 -1.54 23.40
CA LYS A 62 4.98 -2.98 23.54
C LYS A 62 4.83 -3.72 22.21
N GLY A 63 4.93 -5.05 22.32
CA GLY A 63 4.78 -5.96 21.20
C GLY A 63 3.32 -6.15 20.84
N HIS A 64 3.09 -7.14 19.98
CA HIS A 64 1.81 -7.27 19.29
C HIS A 64 1.48 -8.73 19.06
N TRP A 65 0.17 -9.04 18.96
CA TRP A 65 -0.31 -10.34 18.54
C TRP A 65 -0.55 -10.36 17.03
N ALA A 66 0.09 -11.30 16.34
CA ALA A 66 -0.02 -11.42 14.88
C ALA A 66 -1.17 -12.34 14.48
N LEU A 67 -2.14 -11.78 13.75
CA LEU A 67 -3.23 -12.57 13.17
C LEU A 67 -2.83 -12.96 11.75
N THR A 68 -2.81 -14.26 11.47
CA THR A 68 -2.40 -14.72 10.15
C THR A 68 -3.50 -15.36 9.32
N LYS A 69 -4.67 -15.64 9.93
CA LYS A 69 -5.78 -16.31 9.24
C LYS A 69 -6.75 -15.29 8.68
N HIS A 70 -7.15 -15.51 7.41
CA HIS A 70 -8.10 -14.63 6.72
C HIS A 70 -9.34 -14.36 7.58
N ASP A 71 -9.92 -15.41 8.18
CA ASP A 71 -11.14 -15.20 8.97
C ASP A 71 -10.89 -14.38 10.24
N ASP A 72 -9.72 -14.56 10.89
CA ASP A 72 -9.40 -13.75 12.07
C ASP A 72 -9.22 -12.29 11.68
N ILE A 73 -8.56 -12.03 10.56
CA ILE A 73 -8.36 -10.66 10.07
C ILE A 73 -9.69 -10.03 9.69
N HIS A 74 -10.61 -10.83 9.15
CA HIS A 74 -11.95 -10.35 8.85
C HIS A 74 -12.67 -9.93 10.11
N PHE A 75 -12.69 -10.81 11.13
CA PHE A 75 -13.37 -10.51 12.39
C PHE A 75 -12.82 -9.24 13.02
N ALA A 76 -11.49 -9.09 13.07
CA ALA A 76 -10.91 -7.89 13.67
C ALA A 76 -11.32 -6.64 12.90
N SER A 77 -11.28 -6.70 11.57
CA SER A 77 -11.62 -5.53 10.75
C SER A 77 -13.07 -5.12 10.93
N ARG A 78 -13.98 -6.09 11.10
N ARG A 78 -13.98 -6.07 11.10
CA ARG A 78 -15.40 -5.79 11.16
CA ARG A 78 -15.40 -5.76 11.15
C ARG A 78 -15.90 -5.41 12.54
C ARG A 78 -15.90 -5.43 12.55
N HIS A 79 -15.04 -5.44 13.56
CA HIS A 79 -15.43 -5.12 14.93
C HIS A 79 -14.51 -4.07 15.53
N PRO A 80 -14.59 -2.82 15.05
CA PRO A 80 -13.75 -1.76 15.62
C PRO A 80 -14.15 -1.37 17.04
N GLU A 81 -15.31 -1.83 17.53
CA GLU A 81 -15.68 -1.59 18.92
C GLU A 81 -14.81 -2.39 19.87
N ILE A 82 -14.12 -3.39 19.34
CA ILE A 82 -13.19 -4.22 20.11
C ILE A 82 -11.75 -3.96 19.67
N PHE A 83 -11.50 -3.96 18.35
CA PHE A 83 -10.17 -3.78 17.77
C PHE A 83 -10.09 -2.37 17.21
N HIS A 84 -9.50 -1.45 17.98
CA HIS A 84 -9.58 -0.04 17.64
C HIS A 84 -8.43 0.38 16.72
N SER A 85 -8.71 1.34 15.83
CA SER A 85 -7.63 1.95 15.06
C SER A 85 -6.86 2.98 15.87
N SER A 86 -7.47 3.54 16.89
CA SER A 86 -6.76 4.40 17.84
C SER A 86 -5.97 3.54 18.81
N PRO A 87 -4.70 3.91 19.15
CA PRO A 87 -3.97 5.15 18.81
C PRO A 87 -3.07 5.11 17.55
N ASN A 88 -2.86 3.95 16.93
CA ASN A 88 -1.99 3.90 15.75
C ASN A 88 -2.23 2.60 15.00
N ILE A 89 -1.90 2.63 13.71
N ILE A 89 -1.86 2.59 13.72
CA ILE A 89 -2.09 1.48 12.83
CA ILE A 89 -2.07 1.39 12.95
C ILE A 89 -0.78 0.85 12.39
C ILE A 89 -0.76 0.84 12.39
N VAL A 90 0.37 1.31 12.88
CA VAL A 90 1.61 0.57 12.78
C VAL A 90 1.95 0.10 14.19
N ILE A 91 2.93 -0.79 14.28
CA ILE A 91 3.32 -1.35 15.58
C ILE A 91 3.89 -0.28 16.49
N HIS A 92 4.73 0.61 15.95
CA HIS A 92 5.41 1.62 16.78
C HIS A 92 4.39 2.57 17.41
N ASP A 93 4.59 2.87 18.71
CA ASP A 93 3.81 3.92 19.36
C ASP A 93 3.90 5.22 18.56
N GLN A 94 2.78 5.95 18.48
CA GLN A 94 2.82 7.29 17.88
C GLN A 94 3.17 8.29 18.95
N THR A 95 4.46 8.60 19.06
CA THR A 95 4.97 9.60 19.99
C THR A 95 4.39 10.98 19.68
N PRO A 96 4.44 11.91 20.65
CA PRO A 96 3.91 13.25 20.36
C PRO A 96 4.51 13.91 19.12
N GLU A 97 5.83 13.75 18.88
CA GLU A 97 6.39 14.42 17.70
C GLU A 97 5.94 13.75 16.40
N LEU A 98 5.62 12.45 16.44
CA LEU A 98 5.04 11.83 15.25
C LEU A 98 3.57 12.18 15.12
N ALA A 99 2.85 12.31 16.25
CA ALA A 99 1.43 12.65 16.18
C ALA A 99 1.20 14.00 15.53
N GLU A 100 2.21 14.89 15.58
CA GLU A 100 2.07 16.19 14.94
C GLU A 100 1.77 16.06 13.45
N TYR A 101 2.34 15.04 12.81
CA TYR A 101 2.17 14.87 11.38
C TYR A 101 1.22 13.75 10.99
N PHE A 102 1.03 12.75 11.83
CA PHE A 102 0.40 11.51 11.39
C PHE A 102 -0.88 11.15 12.16
N GLY A 103 -1.35 12.02 13.05
CA GLY A 103 -2.60 11.78 13.74
C GLY A 103 -3.83 12.05 12.90
N SER A 104 -3.89 11.44 11.72
CA SER A 104 -4.99 11.64 10.78
C SER A 104 -6.16 10.70 11.10
N MET A 105 -7.20 10.79 10.26
CA MET A 105 -8.37 9.92 10.39
C MET A 105 -8.03 8.43 10.39
N ILE A 106 -6.87 8.03 9.85
CA ILE A 106 -6.58 6.60 9.82
C ILE A 106 -6.28 6.05 11.20
N VAL A 107 -5.90 6.89 12.17
CA VAL A 107 -5.67 6.46 13.55
C VAL A 107 -6.79 6.93 14.47
N LEU A 108 -7.96 7.23 13.92
CA LEU A 108 -9.13 7.63 14.69
C LEU A 108 -10.22 6.59 14.55
N ASP A 109 -11.07 6.50 15.58
CA ASP A 109 -12.27 5.66 15.53
C ASP A 109 -13.49 6.55 15.23
N ASP A 110 -14.61 5.89 14.92
CA ASP A 110 -15.84 6.63 14.73
C ASP A 110 -16.37 7.12 16.07
N PRO A 111 -17.13 8.23 16.09
CA PRO A 111 -17.61 8.98 14.92
C PRO A 111 -16.67 10.04 14.30
N ARG A 112 -15.56 10.41 14.95
CA ARG A 112 -14.73 11.46 14.37
C ARG A 112 -14.11 11.02 13.05
N HIS A 113 -13.66 9.76 12.96
CA HIS A 113 -13.17 9.21 11.69
C HIS A 113 -14.15 9.41 10.54
N GLN A 114 -15.41 9.01 10.74
CA GLN A 114 -16.39 9.11 9.64
C GLN A 114 -16.61 10.55 9.23
N ARG A 115 -16.65 11.47 10.19
CA ARG A 115 -16.90 12.87 9.86
C ARG A 115 -15.76 13.44 9.02
N LEU A 116 -14.53 12.98 9.29
CA LEU A 116 -13.39 13.40 8.48
C LEU A 116 -13.42 12.74 7.10
N ARG A 117 -13.63 11.43 7.05
CA ARG A 117 -13.68 10.72 5.78
C ARG A 117 -14.71 11.33 4.84
N SER A 118 -15.88 11.70 5.37
CA SER A 118 -16.95 12.22 4.52
C SER A 118 -16.58 13.53 3.82
N ILE A 119 -15.57 14.26 4.31
CA ILE A 119 -15.18 15.49 3.63
C ILE A 119 -14.75 15.22 2.19
N VAL A 120 -14.05 14.10 1.95
CA VAL A 120 -13.44 13.84 0.65
C VAL A 120 -14.01 12.62 -0.05
N SER A 121 -14.82 11.80 0.61
CA SER A 121 -15.10 10.48 0.06
C SER A 121 -15.89 10.53 -1.24
N ARG A 122 -16.58 11.63 -1.54
CA ARG A 122 -17.33 11.72 -2.78
C ARG A 122 -16.41 11.87 -4.00
N ALA A 123 -15.17 12.29 -3.81
CA ALA A 123 -14.22 12.40 -4.93
C ALA A 123 -13.62 11.05 -5.34
N PHE A 124 -13.90 9.98 -4.59
CA PHE A 124 -13.32 8.67 -4.86
C PHE A 124 -14.36 7.64 -5.27
N THR A 125 -15.60 8.06 -5.54
CA THR A 125 -16.64 7.12 -5.96
C THR A 125 -16.38 6.61 -7.36
N PRO A 126 -16.96 5.46 -7.72
CA PRO A 126 -16.81 4.95 -9.10
C PRO A 126 -17.18 5.95 -10.19
N LYS A 127 -18.29 6.68 -10.04
CA LYS A 127 -18.68 7.63 -11.08
C LYS A 127 -17.71 8.80 -11.21
N VAL A 128 -17.16 9.28 -10.09
CA VAL A 128 -16.15 10.34 -10.19
C VAL A 128 -14.86 9.81 -10.81
N VAL A 129 -14.44 8.61 -10.41
CA VAL A 129 -13.26 8.02 -11.03
C VAL A 129 -13.48 7.83 -12.53
N ALA A 130 -14.72 7.52 -12.93
CA ALA A 130 -15.00 7.40 -14.36
C ALA A 130 -14.84 8.73 -15.09
N ARG A 131 -15.11 9.84 -14.41
CA ARG A 131 -14.90 11.17 -15.03
C ARG A 131 -13.43 11.36 -15.42
N ILE A 132 -12.51 11.06 -14.49
CA ILE A 132 -11.09 11.35 -14.70
C ILE A 132 -10.34 10.17 -15.32
N GLU A 133 -11.04 9.09 -15.65
CA GLU A 133 -10.50 7.99 -16.46
C GLU A 133 -9.70 8.48 -17.65
N ALA A 134 -10.24 9.43 -18.41
CA ALA A 134 -9.53 9.89 -19.60
C ALA A 134 -8.23 10.59 -19.25
N SER A 135 -8.23 11.38 -18.16
CA SER A 135 -6.99 11.97 -17.68
C SER A 135 -6.00 10.90 -17.26
N VAL A 136 -6.47 9.90 -16.50
CA VAL A 136 -5.59 8.84 -16.04
C VAL A 136 -4.92 8.14 -17.22
N ARG A 137 -5.69 7.84 -18.28
CA ARG A 137 -5.10 7.19 -19.44
C ARG A 137 -4.12 8.10 -20.17
N GLU A 138 -4.45 9.38 -20.30
CA GLU A 138 -3.52 10.30 -20.97
C GLU A 138 -2.19 10.36 -20.25
N ARG A 139 -2.21 10.37 -18.91
CA ARG A 139 -0.95 10.43 -18.17
C ARG A 139 -0.18 9.13 -18.30
N ALA A 140 -0.88 7.99 -18.29
CA ALA A 140 -0.19 6.72 -18.46
C ALA A 140 0.36 6.58 -19.88
N HIS A 141 -0.44 6.95 -20.89
CA HIS A 141 0.04 6.89 -22.27
C HIS A 141 1.32 7.70 -22.44
N ARG A 142 1.34 8.92 -21.89
CA ARG A 142 2.48 9.80 -22.08
C ARG A 142 3.73 9.27 -21.37
N LEU A 143 3.55 8.68 -20.19
CA LEU A 143 4.71 8.17 -19.47
C LEU A 143 5.33 6.99 -20.20
N VAL A 144 4.50 6.07 -20.71
CA VAL A 144 5.03 4.91 -21.43
C VAL A 144 5.69 5.35 -22.72
N ALA A 145 5.09 6.32 -23.42
CA ALA A 145 5.71 6.85 -24.62
C ALA A 145 7.06 7.50 -24.30
N ALA A 146 7.14 8.23 -23.18
CA ALA A 146 8.40 8.86 -22.80
C ALA A 146 9.47 7.83 -22.48
N MET A 147 9.09 6.69 -21.91
N MET A 147 9.09 6.68 -21.90
CA MET A 147 10.06 5.62 -21.67
CA MET A 147 10.05 5.61 -21.68
C MET A 147 10.72 5.17 -22.97
C MET A 147 10.73 5.20 -22.98
N ILE A 148 9.93 4.98 -24.02
CA ILE A 148 10.48 4.61 -25.33
C ILE A 148 11.39 5.70 -25.86
N GLU A 149 10.94 6.96 -25.77
CA GLU A 149 11.74 8.07 -26.29
C GLU A 149 13.01 8.28 -25.48
N ASN A 150 12.91 8.20 -24.14
CA ASN A 150 14.06 8.46 -23.27
C ASN A 150 15.05 7.32 -23.23
N HIS A 151 14.73 6.17 -23.80
CA HIS A 151 15.56 4.97 -23.64
C HIS A 151 15.59 4.21 -24.95
N PRO A 152 16.31 4.74 -25.95
CA PRO A 152 16.36 4.08 -27.26
C PRO A 152 17.03 2.72 -27.24
N ASP A 153 17.83 2.41 -26.24
CA ASP A 153 18.37 1.06 -26.08
C ASP A 153 17.36 0.07 -25.50
N GLY A 154 16.13 0.51 -25.22
CA GLY A 154 15.09 -0.43 -24.77
C GLY A 154 15.32 -1.04 -23.40
N GLN A 155 15.91 -0.27 -22.47
CA GLN A 155 16.10 -0.71 -21.09
C GLN A 155 15.85 0.48 -20.16
N ALA A 156 15.15 0.24 -19.04
CA ALA A 156 14.92 1.31 -18.06
C ALA A 156 14.42 0.71 -16.75
N ASP A 157 14.41 1.54 -15.69
CA ASP A 157 13.84 1.18 -14.39
C ASP A 157 12.33 1.44 -14.42
N LEU A 158 11.52 0.38 -14.33
CA LEU A 158 10.07 0.58 -14.37
C LEU A 158 9.57 1.46 -13.24
N VAL A 159 10.23 1.41 -12.08
CA VAL A 159 9.73 2.15 -10.93
C VAL A 159 9.88 3.64 -11.12
N SER A 160 11.10 4.11 -11.45
CA SER A 160 11.30 5.55 -11.55
C SER A 160 10.57 6.14 -12.74
N GLU A 161 10.42 5.37 -13.84
CA GLU A 161 9.92 5.93 -15.08
C GLU A 161 8.42 5.74 -15.28
N LEU A 162 7.76 4.86 -14.50
CA LEU A 162 6.36 4.59 -14.76
C LEU A 162 5.56 4.27 -13.50
N ALA A 163 6.01 3.25 -12.76
CA ALA A 163 5.20 2.71 -11.68
C ALA A 163 5.00 3.73 -10.57
N GLY A 164 6.06 4.48 -10.24
CA GLY A 164 5.96 5.57 -9.30
C GLY A 164 5.25 6.81 -9.83
N PRO A 165 5.68 7.32 -10.99
CA PRO A 165 5.09 8.57 -11.50
C PRO A 165 3.59 8.53 -11.78
N LEU A 166 3.05 7.43 -12.29
CA LEU A 166 1.61 7.51 -12.68
C LEU A 166 0.72 7.77 -11.45
N PRO A 167 0.77 6.97 -10.37
CA PRO A 167 -0.13 7.27 -9.24
C PRO A 167 0.19 8.61 -8.61
N LEU A 168 1.47 8.97 -8.55
CA LEU A 168 1.88 10.29 -8.03
C LEU A 168 1.18 11.42 -8.77
N GLN A 169 1.25 11.43 -10.11
CA GLN A 169 0.60 12.50 -10.88
C GLN A 169 -0.90 12.57 -10.63
N ILE A 170 -1.57 11.40 -10.54
CA ILE A 170 -3.02 11.40 -10.35
C ILE A 170 -3.39 12.00 -8.99
N ILE A 171 -2.77 11.53 -7.91
CA ILE A 171 -3.17 12.06 -6.60
C ILE A 171 -2.79 13.54 -6.48
N CYS A 172 -1.66 13.94 -7.07
CA CYS A 172 -1.29 15.36 -7.07
C CYS A 172 -2.31 16.21 -7.82
N ASP A 173 -2.76 15.70 -8.97
CA ASP A 173 -3.84 16.36 -9.71
C ASP A 173 -5.09 16.52 -8.85
N MET A 174 -5.50 15.45 -8.14
CA MET A 174 -6.71 15.52 -7.32
C MET A 174 -6.56 16.48 -6.14
N MET A 175 -5.37 16.52 -5.52
CA MET A 175 -5.11 17.51 -4.47
C MET A 175 -4.98 18.94 -4.97
N GLY A 176 -4.66 19.13 -6.25
CA GLY A 176 -4.37 20.48 -6.72
C GLY A 176 -2.92 20.88 -6.53
N ILE A 177 -2.01 19.92 -6.49
CA ILE A 177 -0.59 20.22 -6.37
C ILE A 177 -0.04 20.55 -7.76
N PRO A 178 0.75 21.62 -7.90
CA PRO A 178 1.26 22.02 -9.22
C PRO A 178 2.26 21.02 -9.78
N GLU A 179 2.37 21.04 -11.11
CA GLU A 179 3.18 20.05 -11.82
C GLU A 179 4.64 20.12 -11.40
N GLU A 180 5.15 21.33 -11.14
CA GLU A 180 6.57 21.53 -10.82
C GLU A 180 6.95 20.95 -9.46
N ASP A 181 5.99 20.55 -8.65
CA ASP A 181 6.22 20.07 -7.29
C ASP A 181 6.08 18.55 -7.15
N HIS A 182 5.84 17.83 -8.26
CA HIS A 182 5.64 16.39 -8.19
C HIS A 182 6.87 15.68 -7.64
N GLU A 183 8.06 16.01 -8.18
CA GLU A 183 9.27 15.31 -7.78
C GLU A 183 9.55 15.50 -6.29
N GLN A 184 9.44 16.75 -5.82
CA GLN A 184 9.61 17.05 -4.41
C GLN A 184 8.65 16.23 -3.53
N ILE A 185 7.38 16.20 -3.91
CA ILE A 185 6.39 15.47 -3.11
C ILE A 185 6.73 13.98 -3.06
N PHE A 186 7.10 13.41 -4.20
CA PHE A 186 7.42 11.97 -4.25
C PHE A 186 8.64 11.65 -3.40
N HIS A 187 9.66 12.51 -3.41
CA HIS A 187 10.81 12.27 -2.54
C HIS A 187 10.39 12.23 -1.09
N TRP A 188 9.57 13.19 -0.67
CA TRP A 188 9.12 13.22 0.72
C TRP A 188 8.35 11.95 1.10
N THR A 189 7.37 11.55 0.28
CA THR A 189 6.59 10.36 0.67
C THR A 189 7.44 9.09 0.58
N ASN A 190 8.41 9.04 -0.33
CA ASN A 190 9.34 7.91 -0.36
C ASN A 190 10.07 7.77 0.97
N VAL A 191 10.51 8.89 1.55
CA VAL A 191 11.23 8.83 2.82
C VAL A 191 10.27 8.48 3.96
N ILE A 192 9.07 9.07 3.96
CA ILE A 192 8.11 8.85 5.05
C ILE A 192 7.73 7.38 5.17
N LEU A 193 7.63 6.66 4.04
CA LEU A 193 7.37 5.23 4.11
C LEU A 193 8.57 4.41 3.66
N GLY A 194 9.77 4.90 3.94
CA GLY A 194 10.97 4.13 3.69
C GLY A 194 11.93 4.14 4.87
N PHE A 195 11.47 4.56 6.05
CA PHE A 195 12.41 4.68 7.18
C PHE A 195 12.99 3.32 7.52
N GLY A 196 14.31 3.26 7.65
CA GLY A 196 15.00 2.00 7.90
C GLY A 196 15.71 1.42 6.71
N ASP A 197 15.38 1.87 5.49
CA ASP A 197 16.12 1.41 4.31
C ASP A 197 17.20 2.43 4.00
N PRO A 198 18.47 2.03 3.94
CA PRO A 198 19.56 3.01 3.76
C PRO A 198 19.50 3.73 2.42
N ASP A 199 18.82 3.15 1.42
CA ASP A 199 18.60 3.90 0.18
C ASP A 199 17.59 5.03 0.35
N LEU A 200 16.86 5.05 1.48
CA LEU A 200 15.87 6.08 1.72
C LEU A 200 16.42 6.91 2.88
N THR A 201 16.15 6.54 4.13
CA THR A 201 16.94 7.07 5.23
C THR A 201 16.89 6.11 6.40
N THR A 202 17.97 6.09 7.17
CA THR A 202 17.98 5.43 8.48
C THR A 202 18.17 6.44 9.61
N ASP A 203 18.12 7.73 9.30
CA ASP A 203 18.37 8.80 10.27
C ASP A 203 17.04 9.46 10.60
N PHE A 204 16.60 9.28 11.85
CA PHE A 204 15.27 9.77 12.22
C PHE A 204 15.18 11.29 12.16
N ASP A 205 16.29 12.04 12.36
CA ASP A 205 16.19 13.49 12.17
C ASP A 205 15.89 13.85 10.73
N GLU A 206 16.45 13.12 9.77
CA GLU A 206 16.10 13.38 8.37
C GLU A 206 14.63 13.07 8.12
N PHE A 207 14.13 11.97 8.67
CA PHE A 207 12.69 11.68 8.65
C PHE A 207 11.89 12.88 9.17
N LEU A 208 12.28 13.42 10.33
CA LEU A 208 11.56 14.55 10.90
C LEU A 208 11.71 15.81 10.06
N GLN A 209 12.88 15.99 9.42
CA GLN A 209 13.04 17.10 8.47
C GLN A 209 12.05 16.99 7.33
N VAL A 210 11.97 15.81 6.71
CA VAL A 210 11.01 15.56 5.63
C VAL A 210 9.57 15.79 6.10
N SER A 211 9.24 15.31 7.30
CA SER A 211 7.86 15.47 7.78
C SER A 211 7.52 16.94 7.97
N MET A 212 8.44 17.69 8.61
CA MET A 212 8.38 19.15 8.67
C MET A 212 8.14 19.77 7.30
N ALA A 213 8.92 19.35 6.29
CA ALA A 213 8.83 19.96 4.96
C ALA A 213 7.48 19.72 4.30
N ILE A 214 6.97 18.49 4.34
CA ILE A 214 5.68 18.27 3.65
C ILE A 214 4.55 18.89 4.44
N GLY A 215 4.65 18.89 5.78
CA GLY A 215 3.64 19.57 6.57
C GLY A 215 3.57 21.05 6.27
N GLY A 216 4.73 21.69 6.08
CA GLY A 216 4.75 23.09 5.72
C GLY A 216 4.28 23.35 4.31
N TYR A 217 4.61 22.43 3.38
CA TYR A 217 4.05 22.52 2.04
C TYR A 217 2.52 22.49 2.09
N ALA A 218 1.96 21.53 2.83
CA ALA A 218 0.51 21.38 2.91
C ALA A 218 -0.16 22.64 3.42
N THR A 219 0.35 23.19 4.53
CA THR A 219 -0.26 24.36 5.13
C THR A 219 -0.19 25.58 4.22
N ALA A 220 0.94 25.75 3.51
CA ALA A 220 1.06 26.85 2.55
C ALA A 220 0.05 26.72 1.43
N LEU A 221 -0.11 25.50 0.87
CA LEU A 221 -1.11 25.32 -0.18
C LEU A 221 -2.52 25.50 0.35
N ALA A 222 -2.80 25.01 1.57
CA ALA A 222 -4.12 25.20 2.15
C ALA A 222 -4.40 26.67 2.42
N ASP A 223 -3.37 27.41 2.84
CA ASP A 223 -3.55 28.83 3.08
C ASP A 223 -3.86 29.57 1.77
N ASP A 224 -3.24 29.19 0.66
CA ASP A 224 -3.61 29.80 -0.62
C ASP A 224 -5.06 29.48 -0.98
N ARG A 225 -5.49 28.22 -0.81
CA ARG A 225 -6.83 27.85 -1.26
C ARG A 225 -7.91 28.46 -0.39
N ARG A 226 -7.59 28.76 0.88
CA ARG A 226 -8.53 29.47 1.73
C ARG A 226 -8.80 30.87 1.20
N VAL A 227 -7.77 31.51 0.63
CA VAL A 227 -7.97 32.83 0.04
C VAL A 227 -8.67 32.71 -1.30
N ASN A 228 -8.19 31.81 -2.16
CA ASN A 228 -8.77 31.59 -3.48
C ASN A 228 -9.09 30.12 -3.67
N HIS A 229 -10.38 29.79 -3.53
CA HIS A 229 -10.86 28.42 -3.70
C HIS A 229 -10.53 27.90 -5.11
N HIS A 230 -10.14 26.64 -5.18
CA HIS A 230 -10.08 25.88 -6.42
C HIS A 230 -11.03 24.70 -6.31
N GLY A 231 -11.12 23.94 -7.39
CA GLY A 231 -11.92 22.72 -7.37
C GLY A 231 -11.09 21.49 -7.09
N ASP A 232 -10.41 21.48 -5.95
CA ASP A 232 -9.49 20.39 -5.63
C ASP A 232 -9.73 19.96 -4.19
N LEU A 233 -9.13 18.82 -3.83
CA LEU A 233 -9.35 18.28 -2.49
C LEU A 233 -8.79 19.21 -1.41
N THR A 234 -7.70 19.94 -1.69
CA THR A 234 -7.19 20.86 -0.68
C THR A 234 -8.23 21.92 -0.33
N THR A 235 -8.97 22.40 -1.33
CA THR A 235 -10.01 23.37 -1.03
C THR A 235 -11.14 22.74 -0.23
N SER A 236 -11.48 21.48 -0.54
CA SER A 236 -12.48 20.77 0.26
C SER A 236 -12.08 20.70 1.73
N LEU A 237 -10.77 20.54 1.99
CA LEU A 237 -10.28 20.45 3.36
C LEU A 237 -10.45 21.78 4.10
N VAL A 238 -10.11 22.90 3.46
CA VAL A 238 -10.13 24.16 4.19
C VAL A 238 -11.56 24.63 4.40
N GLU A 239 -12.47 24.23 3.52
CA GLU A 239 -13.87 24.68 3.54
C GLU A 239 -14.76 23.86 4.47
N ALA A 240 -14.30 22.70 4.92
CA ALA A 240 -15.16 21.77 5.63
C ALA A 240 -15.49 22.29 7.03
N GLU A 241 -16.71 22.01 7.47
CA GLU A 241 -17.17 22.29 8.82
C GLU A 241 -17.67 21.00 9.42
N VAL A 242 -17.05 20.57 10.51
CA VAL A 242 -17.51 19.42 11.27
C VAL A 242 -18.23 19.99 12.49
N ASP A 243 -19.57 19.99 12.45
CA ASP A 243 -20.40 20.61 13.47
C ASP A 243 -20.04 22.09 13.62
N GLY A 244 -20.21 22.83 12.53
CA GLY A 244 -20.01 24.27 12.55
C GLY A 244 -18.58 24.74 12.71
N GLU A 245 -17.70 23.89 13.22
CA GLU A 245 -16.31 24.23 13.48
C GLU A 245 -15.43 23.74 12.33
N ARG A 246 -14.58 24.62 11.82
CA ARG A 246 -13.68 24.25 10.74
C ARG A 246 -12.53 23.39 11.29
N LEU A 247 -11.79 22.78 10.36
CA LEU A 247 -10.62 22.00 10.73
C LEU A 247 -9.49 22.93 11.16
N SER A 248 -8.66 22.46 12.08
CA SER A 248 -7.46 23.22 12.41
C SER A 248 -6.45 23.10 11.27
N SER A 249 -5.47 24.01 11.27
CA SER A 249 -4.37 23.86 10.33
C SER A 249 -3.68 22.52 10.53
N SER A 250 -3.48 22.12 11.78
CA SER A 250 -2.87 20.83 12.05
C SER A 250 -3.67 19.70 11.41
N GLU A 251 -5.00 19.71 11.60
CA GLU A 251 -5.83 18.66 11.04
C GLU A 251 -5.79 18.66 9.51
N ILE A 252 -5.77 19.85 8.89
CA ILE A 252 -5.70 19.92 7.43
C ILE A 252 -4.39 19.32 6.93
N ALA A 253 -3.26 19.65 7.60
CA ALA A 253 -1.96 19.15 7.16
C ALA A 253 -1.87 17.63 7.29
N MET A 254 -2.30 17.09 8.45
CA MET A 254 -2.29 15.63 8.63
C MET A 254 -3.13 14.91 7.58
N PHE A 255 -4.27 15.49 7.19
CA PHE A 255 -5.16 14.86 6.19
C PHE A 255 -4.48 14.92 4.83
N PHE A 256 -3.95 16.09 4.49
CA PHE A 256 -3.17 16.23 3.25
C PHE A 256 -2.08 15.18 3.17
N ILE A 257 -1.31 15.02 4.26
CA ILE A 257 -0.20 14.07 4.26
C ILE A 257 -0.71 12.64 4.09
N LEU A 258 -1.83 12.31 4.75
CA LEU A 258 -2.39 10.98 4.61
C LEU A 258 -2.67 10.66 3.14
N LEU A 259 -3.34 11.59 2.46
CA LEU A 259 -3.78 11.32 1.09
C LEU A 259 -2.60 11.17 0.14
N VAL A 260 -1.59 12.03 0.24
CA VAL A 260 -0.52 11.93 -0.74
C VAL A 260 0.41 10.77 -0.42
N VAL A 261 0.61 10.44 0.86
CA VAL A 261 1.44 9.29 1.18
C VAL A 261 0.76 8.01 0.72
N ALA A 262 -0.55 7.89 1.01
CA ALA A 262 -1.28 6.69 0.62
C ALA A 262 -1.35 6.56 -0.90
N GLY A 263 -1.58 7.67 -1.61
CA GLY A 263 -1.67 7.59 -3.05
C GLY A 263 -0.35 7.31 -3.74
N ASN A 264 0.78 7.66 -3.10
CA ASN A 264 2.11 7.54 -3.70
C ASN A 264 2.81 6.23 -3.37
N GLU A 265 2.42 5.51 -2.32
CA GLU A 265 3.27 4.44 -1.80
C GLU A 265 2.54 3.10 -1.75
N THR A 266 1.61 2.89 -2.67
CA THR A 266 0.78 1.68 -2.67
C THR A 266 0.62 1.14 -4.09
N THR A 267 -0.16 1.84 -4.92
CA THR A 267 -0.40 1.38 -6.28
C THR A 267 0.91 1.07 -7.01
N ARG A 268 1.96 1.89 -6.80
CA ARG A 268 3.21 1.67 -7.52
C ARG A 268 3.78 0.28 -7.27
N ASN A 269 3.57 -0.26 -6.07
CA ASN A 269 4.04 -1.60 -5.77
C ASN A 269 3.12 -2.68 -6.33
N ALA A 270 1.82 -2.42 -6.45
CA ALA A 270 0.98 -3.34 -7.19
C ALA A 270 1.46 -3.46 -8.64
N ILE A 271 1.86 -2.34 -9.22
CA ILE A 271 2.32 -2.35 -10.61
C ILE A 271 3.65 -3.08 -10.73
N SER A 272 4.60 -2.76 -9.86
CA SER A 272 5.92 -3.40 -9.95
C SER A 272 5.82 -4.89 -9.70
N HIS A 273 5.07 -5.32 -8.69
CA HIS A 273 4.91 -6.75 -8.45
C HIS A 273 4.09 -7.40 -9.56
N GLY A 274 3.13 -6.67 -10.13
CA GLY A 274 2.40 -7.18 -11.28
C GLY A 274 3.31 -7.45 -12.48
N MET A 275 4.21 -6.51 -12.80
CA MET A 275 5.19 -6.74 -13.86
C MET A 275 6.09 -7.92 -13.59
N LEU A 276 6.60 -8.04 -12.36
CA LEU A 276 7.42 -9.17 -12.00
C LEU A 276 6.68 -10.48 -12.19
N ALA A 277 5.41 -10.55 -11.75
CA ALA A 277 4.67 -11.80 -11.89
C ALA A 277 4.44 -12.13 -13.36
N LEU A 278 4.09 -11.15 -14.19
CA LEU A 278 3.88 -11.42 -15.60
C LEU A 278 5.19 -11.85 -16.27
N SER A 279 6.32 -11.41 -15.72
CA SER A 279 7.62 -11.79 -16.25
C SER A 279 7.98 -13.21 -15.86
N ARG A 280 7.68 -13.60 -14.61
CA ARG A 280 7.99 -14.94 -14.13
C ARG A 280 7.05 -15.99 -14.72
N TYR A 281 5.80 -15.63 -15.03
CA TYR A 281 4.76 -16.58 -15.42
C TYR A 281 4.21 -16.14 -16.78
N PRO A 282 4.94 -16.40 -17.87
CA PRO A 282 4.57 -15.80 -19.16
C PRO A 282 3.25 -16.30 -19.74
N ASP A 283 2.80 -17.51 -19.38
N ASP A 283 2.78 -17.49 -19.36
CA ASP A 283 1.47 -17.94 -19.80
CA ASP A 283 1.47 -17.91 -19.84
C ASP A 283 0.41 -16.92 -19.38
C ASP A 283 0.36 -17.02 -19.31
N GLU A 284 0.59 -16.30 -18.21
CA GLU A 284 -0.41 -15.35 -17.73
C GLU A 284 -0.38 -14.07 -18.53
N ARG A 285 0.82 -13.61 -18.92
CA ARG A 285 0.93 -12.50 -19.87
C ARG A 285 0.25 -12.84 -21.20
N ALA A 286 0.51 -14.04 -21.72
CA ALA A 286 -0.06 -14.42 -23.01
C ALA A 286 -1.58 -14.43 -22.95
N LYS A 287 -2.15 -15.05 -21.91
CA LYS A 287 -3.60 -15.02 -21.71
C LYS A 287 -4.10 -13.59 -21.66
N TRP A 288 -3.57 -12.75 -20.78
CA TRP A 288 -4.13 -11.37 -20.62
C TRP A 288 -3.97 -10.54 -21.90
N TRP A 289 -2.81 -10.61 -22.53
CA TRP A 289 -2.56 -9.77 -23.72
C TRP A 289 -3.50 -10.20 -24.87
N SER A 290 -3.86 -11.48 -24.86
CA SER A 290 -4.72 -11.98 -25.94
C SER A 290 -6.14 -11.43 -25.85
N ASP A 291 -6.57 -11.02 -24.64
CA ASP A 291 -7.94 -10.55 -24.46
C ASP A 291 -7.93 -9.61 -23.26
N PHE A 292 -7.35 -8.42 -23.46
CA PHE A 292 -7.10 -7.53 -22.34
C PHE A 292 -8.40 -7.12 -21.67
N ASP A 293 -9.38 -6.67 -22.46
CA ASP A 293 -10.62 -6.18 -21.83
C ASP A 293 -11.46 -7.31 -21.25
N GLY A 294 -11.38 -8.52 -21.84
CA GLY A 294 -12.10 -9.64 -21.27
C GLY A 294 -11.52 -10.12 -19.94
N LEU A 295 -10.21 -9.93 -19.73
CA LEU A 295 -9.53 -10.46 -18.57
C LEU A 295 -9.13 -9.42 -17.55
N ALA A 296 -9.40 -8.12 -17.79
CA ALA A 296 -8.78 -7.09 -16.95
C ALA A 296 -9.32 -7.10 -15.52
N ALA A 297 -10.62 -7.34 -15.33
CA ALA A 297 -11.17 -7.29 -13.96
C ALA A 297 -10.52 -8.35 -13.08
N THR A 298 -10.48 -9.60 -13.54
CA THR A 298 -9.86 -10.64 -12.72
C THR A 298 -8.35 -10.45 -12.63
N ALA A 299 -7.71 -9.94 -13.69
CA ALA A 299 -6.26 -9.76 -13.64
C ALA A 299 -5.88 -8.73 -12.59
N VAL A 300 -6.60 -7.62 -12.54
CA VAL A 300 -6.30 -6.58 -11.56
C VAL A 300 -6.47 -7.11 -10.13
N GLU A 301 -7.56 -7.84 -9.85
CA GLU A 301 -7.71 -8.38 -8.49
C GLU A 301 -6.59 -9.35 -8.14
N GLU A 302 -6.13 -10.16 -9.10
CA GLU A 302 -5.09 -11.11 -8.79
C GLU A 302 -3.74 -10.41 -8.57
N ILE A 303 -3.50 -9.31 -9.25
CA ILE A 303 -2.27 -8.55 -9.02
C ILE A 303 -2.24 -7.99 -7.61
N VAL A 304 -3.38 -7.46 -7.14
CA VAL A 304 -3.42 -6.97 -5.75
C VAL A 304 -3.24 -8.11 -4.76
N ARG A 305 -3.89 -9.26 -5.00
CA ARG A 305 -3.70 -10.39 -4.09
C ARG A 305 -2.23 -10.83 -4.06
N TRP A 306 -1.59 -10.92 -5.23
CA TRP A 306 -0.19 -11.37 -5.29
C TRP A 306 0.75 -10.36 -4.63
N ALA A 307 0.52 -9.06 -4.86
CA ALA A 307 1.44 -8.03 -4.38
C ALA A 307 1.27 -7.73 -2.89
N SER A 308 0.00 -7.75 -2.40
CA SER A 308 -0.36 -7.27 -1.06
C SER A 308 0.48 -6.06 -0.68
N PRO A 309 0.28 -4.93 -1.36
CA PRO A 309 1.20 -3.78 -1.18
C PRO A 309 1.30 -3.27 0.24
N VAL A 310 0.23 -3.37 1.03
CA VAL A 310 0.27 -3.07 2.45
C VAL A 310 0.36 -4.40 3.17
N VAL A 311 1.45 -4.60 3.92
CA VAL A 311 1.73 -5.91 4.50
C VAL A 311 0.83 -6.21 5.70
N TYR A 312 0.63 -5.17 6.51
CA TYR A 312 -0.20 -5.32 7.72
C TYR A 312 -0.76 -3.98 8.18
N MET A 313 -1.72 -4.02 9.10
CA MET A 313 -2.23 -2.80 9.76
C MET A 313 -2.53 -3.18 11.24
N ARG A 314 -2.31 -2.32 12.10
N ARG A 314 -2.24 -2.35 12.11
CA ARG A 314 -2.41 -2.65 13.52
CA ARG A 314 -2.39 -2.65 13.54
C ARG A 314 -3.71 -2.15 14.15
C ARG A 314 -3.75 -2.20 14.11
N ARG A 315 -4.19 -2.89 15.17
CA ARG A 315 -5.37 -2.51 15.95
C ARG A 315 -5.01 -2.63 17.43
N THR A 316 -5.86 -2.07 18.30
CA THR A 316 -5.63 -2.12 19.74
C THR A 316 -6.90 -2.55 20.48
N LEU A 317 -6.77 -3.53 21.37
CA LEU A 317 -7.92 -4.09 22.08
C LEU A 317 -8.43 -3.17 23.19
N SER A 318 -9.76 -3.05 23.29
CA SER A 318 -10.41 -2.35 24.39
C SER A 318 -10.97 -3.30 25.44
N GLN A 319 -10.89 -4.62 25.21
CA GLN A 319 -11.34 -5.62 26.16
C GLN A 319 -10.54 -6.89 25.95
N ASP A 320 -10.55 -7.76 26.96
CA ASP A 320 -9.95 -9.08 26.79
C ASP A 320 -10.66 -9.81 25.65
N VAL A 321 -9.88 -10.60 24.90
CA VAL A 321 -10.41 -11.34 23.74
C VAL A 321 -9.75 -12.71 23.71
N ASP A 322 -10.57 -13.77 23.73
CA ASP A 322 -10.11 -15.16 23.63
C ASP A 322 -10.47 -15.65 22.24
N LEU A 323 -9.51 -15.64 21.33
CA LEU A 323 -9.76 -15.98 19.93
C LEU A 323 -8.90 -17.17 19.53
N ARG A 324 -9.54 -18.20 18.98
CA ARG A 324 -8.82 -19.37 18.49
C ARG A 324 -7.93 -19.97 19.58
N GLY A 325 -8.41 -19.92 20.83
CA GLY A 325 -7.70 -20.48 21.96
C GLY A 325 -6.57 -19.64 22.50
N THR A 326 -6.35 -18.44 21.95
CA THR A 326 -5.31 -17.54 22.45
C THR A 326 -5.96 -16.38 23.20
N LYS A 327 -5.62 -16.24 24.48
CA LYS A 327 -6.17 -15.20 25.33
C LYS A 327 -5.34 -13.93 25.19
N MET A 328 -5.90 -12.91 24.54
CA MET A 328 -5.30 -11.58 24.54
C MET A 328 -6.00 -10.62 25.49
N ALA A 329 -5.23 -9.68 26.01
CA ALA A 329 -5.64 -8.79 27.09
C ALA A 329 -6.06 -7.43 26.57
N ALA A 330 -7.04 -6.83 27.24
CA ALA A 330 -7.40 -5.45 26.98
C ALA A 330 -6.15 -4.58 26.92
N GLY A 331 -6.06 -3.75 25.88
CA GLY A 331 -4.93 -2.87 25.69
C GLY A 331 -3.80 -3.42 24.83
N ASP A 332 -3.82 -4.72 24.52
CA ASP A 332 -2.79 -5.34 23.69
C ASP A 332 -2.85 -4.84 22.24
N LYS A 333 -1.69 -4.81 21.61
CA LYS A 333 -1.60 -4.53 20.18
C LYS A 333 -1.86 -5.81 19.38
N VAL A 334 -2.62 -5.69 18.29
CA VAL A 334 -2.98 -6.80 17.41
C VAL A 334 -2.68 -6.38 15.97
N THR A 335 -2.01 -7.26 15.20
CA THR A 335 -1.63 -6.94 13.84
C THR A 335 -2.31 -7.87 12.82
N LEU A 336 -2.73 -7.28 11.69
CA LEU A 336 -3.55 -7.96 10.69
C LEU A 336 -2.69 -8.15 9.45
N TRP A 337 -2.17 -9.37 9.25
CA TRP A 337 -1.18 -9.60 8.19
C TRP A 337 -1.86 -9.97 6.88
N TYR A 338 -2.15 -8.94 6.07
CA TYR A 338 -2.82 -9.16 4.80
C TYR A 338 -1.97 -10.03 3.87
N CYS A 339 -0.64 -9.93 3.98
CA CYS A 339 0.23 -10.75 3.14
C CYS A 339 -0.02 -12.23 3.37
N SER A 340 -0.44 -12.60 4.59
CA SER A 340 -0.77 -13.96 4.98
C SER A 340 -2.20 -14.33 4.62
N ALA A 341 -3.16 -13.44 4.90
CA ALA A 341 -4.54 -13.71 4.50
C ALA A 341 -4.66 -13.98 3.02
N ASN A 342 -3.83 -13.34 2.20
CA ASN A 342 -3.93 -13.48 0.75
C ASN A 342 -3.21 -14.70 0.23
N ARG A 343 -2.72 -15.58 1.13
CA ARG A 343 -2.29 -16.92 0.77
C ARG A 343 -3.00 -17.99 1.59
N ASP A 344 -4.11 -17.65 2.26
CA ASP A 344 -4.71 -18.55 3.24
C ASP A 344 -5.34 -19.75 2.52
N GLU A 345 -4.80 -20.94 2.81
CA GLU A 345 -5.18 -22.18 2.15
C GLU A 345 -6.65 -22.53 2.41
N GLU A 346 -7.24 -21.99 3.47
CA GLU A 346 -8.65 -22.20 3.76
C GLU A 346 -9.55 -21.32 2.91
N LYS A 347 -9.02 -20.25 2.34
CA LYS A 347 -9.82 -19.28 1.59
C LYS A 347 -9.59 -19.32 0.09
N PHE A 348 -8.45 -19.83 -0.37
CA PHE A 348 -8.10 -19.91 -1.79
C PHE A 348 -7.76 -21.34 -2.11
N ALA A 349 -8.46 -21.91 -3.09
CA ALA A 349 -7.92 -23.07 -3.76
C ALA A 349 -6.68 -22.66 -4.54
N ASP A 350 -5.57 -23.35 -4.30
CA ASP A 350 -4.37 -23.11 -5.10
C ASP A 350 -3.80 -21.71 -4.86
N PRO A 351 -3.49 -21.34 -3.61
CA PRO A 351 -3.05 -19.96 -3.34
C PRO A 351 -1.71 -19.61 -3.96
N TRP A 352 -0.88 -20.60 -4.27
CA TRP A 352 0.47 -20.34 -4.77
C TRP A 352 0.53 -20.20 -6.28
N THR A 353 -0.62 -20.26 -6.94
CA THR A 353 -0.74 -20.04 -8.38
C THR A 353 -1.18 -18.61 -8.62
N PHE A 354 -0.39 -17.89 -9.41
CA PHE A 354 -0.76 -16.57 -9.92
C PHE A 354 -1.64 -16.79 -11.15
N ASP A 355 -2.92 -16.43 -11.06
CA ASP A 355 -3.90 -16.78 -12.09
C ASP A 355 -4.70 -15.54 -12.45
N VAL A 356 -4.41 -14.95 -13.63
CA VAL A 356 -5.07 -13.70 -14.00
C VAL A 356 -6.54 -13.88 -14.33
N THR A 357 -7.03 -15.13 -14.40
CA THR A 357 -8.45 -15.41 -14.58
C THR A 357 -9.16 -15.81 -13.28
N ARG A 358 -8.51 -15.66 -12.11
CA ARG A 358 -9.05 -16.22 -10.87
C ARG A 358 -10.41 -15.62 -10.51
N ASN A 359 -11.38 -16.51 -10.22
CA ASN A 359 -12.67 -16.09 -9.71
C ASN A 359 -13.35 -17.26 -9.02
N PRO A 360 -13.93 -17.06 -7.81
CA PRO A 360 -13.94 -15.83 -7.00
C PRO A 360 -12.54 -15.48 -6.51
N ASN A 361 -12.37 -14.30 -5.94
CA ASN A 361 -11.05 -13.85 -5.46
C ASN A 361 -11.25 -12.94 -4.28
N PRO A 362 -11.50 -13.52 -3.06
CA PRO A 362 -11.74 -12.72 -1.84
C PRO A 362 -10.46 -12.14 -1.25
N GLN A 363 -9.67 -11.48 -2.09
CA GLN A 363 -8.40 -10.92 -1.65
C GLN A 363 -8.63 -9.67 -0.79
N VAL A 364 -7.81 -9.54 0.26
CA VAL A 364 -7.96 -8.44 1.22
C VAL A 364 -6.71 -7.56 1.18
N GLY A 365 -6.20 -7.29 -0.03
CA GLY A 365 -5.11 -6.33 -0.17
C GLY A 365 -5.52 -4.92 0.20
N PHE A 366 -6.82 -4.63 0.06
CA PHE A 366 -7.38 -3.34 0.45
C PHE A 366 -7.88 -3.37 1.90
N GLY A 367 -7.44 -4.35 2.68
CA GLY A 367 -7.95 -4.54 4.03
C GLY A 367 -9.12 -5.50 4.08
N GLY A 368 -9.48 -5.89 5.32
CA GLY A 368 -10.54 -6.86 5.50
C GLY A 368 -11.96 -6.34 5.42
N GLY A 369 -12.16 -5.08 5.05
CA GLY A 369 -13.48 -4.49 4.97
C GLY A 369 -13.81 -3.64 6.18
N GLY A 370 -14.90 -2.89 6.06
CA GLY A 370 -15.39 -2.13 7.21
C GLY A 370 -15.07 -0.65 7.19
N ALA A 371 -14.96 -0.07 8.39
CA ALA A 371 -14.96 1.38 8.55
C ALA A 371 -13.82 2.07 7.82
N HIS A 372 -12.64 1.45 7.77
CA HIS A 372 -11.49 2.10 7.12
C HIS A 372 -11.15 1.48 5.77
N PHE A 373 -12.08 0.77 5.13
CA PHE A 373 -11.81 0.17 3.83
C PHE A 373 -11.22 1.19 2.88
N CYS A 374 -10.12 0.80 2.20
CA CYS A 374 -9.28 1.69 1.40
C CYS A 374 -10.09 2.71 0.61
N LEU A 375 -9.86 3.99 0.92
CA LEU A 375 -10.56 5.06 0.21
C LEU A 375 -10.21 5.08 -1.27
N GLY A 376 -8.99 4.68 -1.64
CA GLY A 376 -8.59 4.73 -3.03
C GLY A 376 -8.76 3.46 -3.83
N ALA A 377 -9.58 2.50 -3.34
CA ALA A 377 -9.61 1.19 -3.98
C ALA A 377 -10.04 1.28 -5.43
N ASN A 378 -11.06 2.09 -5.71
CA ASN A 378 -11.57 2.20 -7.06
C ASN A 378 -10.54 2.88 -7.95
N LEU A 379 -9.91 3.94 -7.43
CA LEU A 379 -8.86 4.65 -8.15
C LEU A 379 -7.67 3.74 -8.44
N ALA A 380 -7.21 2.99 -7.43
CA ALA A 380 -6.06 2.12 -7.63
C ALA A 380 -6.32 1.09 -8.72
N ARG A 381 -7.50 0.46 -8.70
CA ARG A 381 -7.81 -0.53 -9.73
C ARG A 381 -7.73 0.08 -11.13
N ARG A 382 -8.24 1.29 -11.31
CA ARG A 382 -8.14 1.92 -12.62
C ARG A 382 -6.69 2.27 -12.98
N GLU A 383 -5.92 2.74 -12.00
CA GLU A 383 -4.50 3.04 -12.23
C GLU A 383 -3.74 1.81 -12.70
N ILE A 384 -3.98 0.66 -12.06
CA ILE A 384 -3.31 -0.58 -12.46
C ILE A 384 -3.73 -0.96 -13.87
N ARG A 385 -5.05 -0.92 -14.13
CA ARG A 385 -5.55 -1.38 -15.42
C ARG A 385 -4.97 -0.57 -16.58
N VAL A 386 -4.95 0.77 -16.45
N VAL A 386 -4.95 0.76 -16.45
CA VAL A 386 -4.54 1.61 -17.58
CA VAL A 386 -4.54 1.61 -17.57
C VAL A 386 -3.04 1.50 -17.83
C VAL A 386 -3.04 1.48 -17.84
N VAL A 387 -2.24 1.32 -16.78
CA VAL A 387 -0.79 1.17 -16.94
C VAL A 387 -0.47 -0.09 -17.74
N PHE A 388 -1.10 -1.22 -17.40
CA PHE A 388 -0.80 -2.44 -18.13
C PHE A 388 -1.38 -2.40 -19.54
N ASP A 389 -2.51 -1.70 -19.74
CA ASP A 389 -3.02 -1.55 -21.10
C ASP A 389 -2.05 -0.75 -21.97
N GLU A 390 -1.39 0.25 -21.38
CA GLU A 390 -0.47 1.02 -22.22
C GLU A 390 0.83 0.27 -22.47
N LEU A 391 1.30 -0.51 -21.50
CA LEU A 391 2.46 -1.36 -21.74
C LEU A 391 2.15 -2.40 -22.82
N ARG A 392 0.95 -2.98 -22.78
CA ARG A 392 0.54 -3.96 -23.78
C ARG A 392 0.52 -3.35 -25.17
N ARG A 393 -0.05 -2.14 -25.29
CA ARG A 393 -0.19 -1.50 -26.59
C ARG A 393 1.14 -1.03 -27.16
N GLN A 394 2.01 -0.45 -26.34
CA GLN A 394 3.20 0.22 -26.84
C GLN A 394 4.47 -0.62 -26.76
N MET A 395 4.54 -1.60 -25.86
CA MET A 395 5.75 -2.41 -25.67
C MET A 395 5.37 -3.77 -25.09
N PRO A 396 4.70 -4.60 -25.90
CA PRO A 396 4.10 -5.82 -25.35
C PRO A 396 5.08 -6.83 -24.80
N ASP A 397 6.37 -6.81 -25.19
CA ASP A 397 7.28 -7.80 -24.66
C ASP A 397 8.09 -7.29 -23.47
N VAL A 398 7.68 -6.18 -22.84
CA VAL A 398 8.42 -5.66 -21.69
C VAL A 398 8.52 -6.70 -20.60
N VAL A 399 9.72 -6.92 -20.08
CA VAL A 399 9.93 -7.97 -19.10
C VAL A 399 11.05 -7.55 -18.16
N ALA A 400 10.91 -7.93 -16.90
CA ALA A 400 11.99 -7.73 -15.93
C ALA A 400 13.21 -8.54 -16.34
N THR A 401 14.38 -7.91 -16.25
CA THR A 401 15.63 -8.56 -16.61
C THR A 401 16.50 -8.90 -15.42
N GLU A 402 16.11 -8.47 -14.22
CA GLU A 402 16.84 -8.72 -12.99
C GLU A 402 15.83 -8.88 -11.86
N GLU A 403 16.25 -9.55 -10.80
CA GLU A 403 15.45 -9.55 -9.57
C GLU A 403 15.36 -8.13 -9.02
N PRO A 404 14.21 -7.73 -8.48
CA PRO A 404 14.05 -6.35 -8.02
C PRO A 404 14.88 -6.06 -6.78
N ALA A 405 15.19 -4.78 -6.60
CA ALA A 405 15.73 -4.27 -5.34
C ALA A 405 14.58 -4.07 -4.37
N ARG A 406 14.54 -4.87 -3.30
CA ARG A 406 13.42 -4.86 -2.38
C ARG A 406 13.58 -3.81 -1.28
N LEU A 407 12.51 -3.07 -1.02
CA LEU A 407 12.49 -2.15 0.10
C LEU A 407 12.56 -2.91 1.43
N LEU A 408 13.41 -2.42 2.34
CA LEU A 408 13.48 -2.96 3.70
C LEU A 408 12.35 -2.36 4.53
N SER A 409 11.31 -3.14 4.77
CA SER A 409 10.10 -2.64 5.39
C SER A 409 9.28 -3.80 5.94
N GLN A 410 8.73 -3.60 7.13
CA GLN A 410 7.76 -4.53 7.69
C GLN A 410 6.32 -4.19 7.27
N PHE A 411 6.09 -2.95 6.83
CA PHE A 411 4.76 -2.39 6.60
C PHE A 411 4.36 -2.33 5.12
N ILE A 412 5.33 -2.12 4.22
CA ILE A 412 5.08 -1.82 2.81
C ILE A 412 5.88 -2.82 1.97
N HIS A 413 5.20 -3.50 1.03
CA HIS A 413 5.85 -4.52 0.20
C HIS A 413 6.48 -3.83 -1.01
N GLY A 414 7.57 -3.09 -0.75
CA GLY A 414 8.09 -2.15 -1.71
C GLY A 414 9.12 -2.75 -2.65
N ILE A 415 9.01 -2.38 -3.93
CA ILE A 415 10.07 -2.58 -4.91
C ILE A 415 10.68 -1.21 -5.21
N LYS A 416 11.98 -1.05 -4.94
CA LYS A 416 12.61 0.24 -5.15
C LYS A 416 13.01 0.43 -6.61
N ARG A 417 13.46 -0.64 -7.27
CA ARG A 417 14.05 -0.62 -8.60
C ARG A 417 13.67 -1.93 -9.29
N LEU A 418 13.29 -1.85 -10.57
CA LEU A 418 12.95 -3.04 -11.35
C LEU A 418 13.41 -2.82 -12.78
N PRO A 419 14.59 -3.31 -13.15
CA PRO A 419 15.06 -3.19 -14.54
C PRO A 419 14.17 -3.99 -15.49
N VAL A 420 13.71 -3.35 -16.55
CA VAL A 420 12.95 -4.02 -17.59
C VAL A 420 13.58 -3.71 -18.95
N ALA A 421 13.17 -4.47 -19.96
CA ALA A 421 13.66 -4.34 -21.31
C ALA A 421 12.53 -4.65 -22.27
N TRP A 422 12.51 -3.95 -23.39
CA TRP A 422 11.51 -4.12 -24.43
C TRP A 422 12.16 -3.98 -25.81
N SER A 423 11.46 -4.51 -26.82
CA SER A 423 11.85 -4.40 -28.23
C SER A 423 11.12 -3.23 -28.90
CHA HEM B . -6.53 2.74 3.72
CHB HEM B . -4.35 -0.61 0.90
CHC HEM B . -4.17 2.61 -2.75
CHD HEM B . -5.96 6.06 0.17
C1A HEM B . -5.98 1.56 3.28
C2A HEM B . -5.89 0.32 4.03
C3A HEM B . -5.26 -0.58 3.23
C4A HEM B . -4.97 0.04 1.96
CMA HEM B . -4.89 -2.03 3.52
CAA HEM B . -6.40 0.08 5.49
CBA HEM B . -7.74 -0.66 5.36
CGA HEM B . -8.32 -1.05 6.71
O1A HEM B . -7.81 -0.57 7.76
O2A HEM B . -9.30 -1.86 6.74
C1B HEM B . -4.14 -0.05 -0.36
C2B HEM B . -3.65 -0.73 -1.56
C3B HEM B . -3.60 0.18 -2.56
C4B HEM B . -4.07 1.44 -2.02
CMB HEM B . -3.24 -2.20 -1.66
CAB HEM B . -3.16 0.01 -4.04
CBB HEM B . -3.19 -1.13 -4.74
C1C HEM B . -4.62 3.82 -2.28
C2C HEM B . -4.69 5.03 -3.05
C3C HEM B . -5.17 5.99 -2.27
C4C HEM B . -5.46 5.41 -0.94
CMC HEM B . -4.27 5.18 -4.53
CAC HEM B . -5.40 7.44 -2.74
CBC HEM B . -5.43 8.47 -1.90
C1D HEM B . -6.26 5.47 1.39
C2D HEM B . -6.80 6.13 2.56
C3D HEM B . -6.96 5.23 3.53
C4D HEM B . -6.52 3.95 3.02
CMD HEM B . -7.14 7.64 2.66
CAD HEM B . -7.53 5.49 4.96
CBD HEM B . -9.05 5.24 4.97
CGD HEM B . -9.70 5.43 6.33
O1D HEM B . -8.98 5.49 7.37
O2D HEM B . -10.96 5.49 6.40
NA HEM B . -5.41 1.35 2.02
NB HEM B . -4.39 1.27 -0.68
NC HEM B . -5.10 4.08 -1.00
ND HEM B . -6.10 4.13 1.71
FE HEM B . -5.55 2.63 0.41
C10 0GV C . 6.30 5.51 11.25
C11 0GV C . 5.21 6.34 9.09
C12 0GV C . 4.03 7.03 8.40
C13 0GV C . 2.70 6.47 8.89
C14 0GV C . 2.64 6.71 10.42
C15 0GV C . 1.19 6.39 10.77
C16 0GV C . 0.38 6.74 9.50
C17 0GV C . 1.41 7.22 8.45
C18 0GV C . 2.59 4.97 8.55
C9 0GV C . 5.17 6.38 10.62
C19 0GV C . 6.27 4.07 10.70
C1 0GV C . 7.64 6.16 10.91
C2 0GV C . 8.84 5.67 11.72
C3 0GV C . 8.58 5.80 13.20
O1 0GV C . 9.71 5.27 13.91
C4 0GV C . 7.34 5.01 13.55
C5 0GV C . 6.14 5.43 12.76
C6 0GV C . 4.98 5.71 13.38
C7 0GV C . 3.79 6.18 12.68
O7 0GV C . 2.87 6.66 13.33
C8 0GV C . 3.77 6.02 11.18
C20 0GV C . 0.93 7.16 6.99
C21 0GV C . 0.49 8.51 6.44
C22 0GV C . -0.16 6.10 6.73
C23 0GV C . -0.19 5.57 5.31
C24 0GV C . -1.25 4.55 5.06
C25 0GV C . -1.27 3.94 3.67
C26 0GV C . -2.61 3.29 3.36
C27 0GV C . -0.15 2.94 3.47
#